data_2ZC9
#
_entry.id   2ZC9
#
_cell.length_a   70.400
_cell.length_b   71.300
_cell.length_c   72.900
_cell.angle_alpha   90.00
_cell.angle_beta   100.70
_cell.angle_gamma   90.00
#
_symmetry.space_group_name_H-M   'C 1 2 1'
#
loop_
_entity.id
_entity.type
_entity.pdbx_description
1 polymer 'Thrombin Light Chain'
2 polymer 'Thrombin Heavy Chain'
3 polymer 'Hirudin variant-1'
4 non-polymer 'SODIUM ION'
5 non-polymer D-phenylalanyl-N-(3-chlorobenzyl)-L-prolinamide
6 water water
#
loop_
_entity_poly.entity_id
_entity_poly.type
_entity_poly.pdbx_seq_one_letter_code
_entity_poly.pdbx_strand_id
1 'polypeptide(L)' TFGSGEADCGLRPLFEKKSLEDKTERELLESYIDGR L
2 'polypeptide(L)'
;IVEGSDAEIGMSPWQVMLFRKSPQELLCGASLISDRWVLTAAHCLLYPPWDKNFTENDLLVRIGKHSRTRYERNIEKISM
LEKIYIHPRYNWRENLDRDIALMKLKKPVAFSDYIHPVCLPDRETAASLLQAGYKGRVTGWGNLKETWTANVGKGQPSVL
QVVNLPIVERPVCKDSTRIRITDNMFCAGYKPDEGKRGDACEGDSGGPFVMKSPFNNRWYQMGIVSWGEGCDRDGKYGFY
THVFRLKKWIQKVIDQFGE
;
H
3 'polypeptide(L)' GDFEEIPEE(TYS)L I
#
loop_
_chem_comp.id
_chem_comp.type
_chem_comp.name
_chem_comp.formula
22U peptide-like D-phenylalanyl-N-(3-chlorobenzyl)-L-prolinamide 'C21 H24 Cl N3 O2'
NA non-polymer 'SODIUM ION' 'Na 1'
#
# COMPACT_ATOMS: atom_id res chain seq x y z
N GLU A 6 -5.41 12.33 10.61
CA GLU A 6 -6.37 12.53 11.69
C GLU A 6 -5.73 12.42 13.07
N ALA A 7 -6.53 12.82 14.06
CA ALA A 7 -6.16 12.66 15.45
C ALA A 7 -6.27 11.19 15.85
N ASP A 8 -7.11 10.48 15.08
CA ASP A 8 -7.41 9.08 15.32
C ASP A 8 -6.81 8.16 14.28
N CYS A 9 -5.86 8.68 13.49
CA CYS A 9 -5.30 7.85 12.44
C CYS A 9 -4.68 6.58 13.01
N GLY A 10 -4.71 5.51 12.24
CA GLY A 10 -3.93 4.33 12.59
C GLY A 10 -4.47 3.49 13.73
N LEU A 11 -5.67 3.80 14.23
CA LEU A 11 -6.36 3.07 15.27
C LEU A 11 -7.57 2.40 14.64
N ARG A 12 -7.51 1.09 14.52
CA ARG A 12 -8.58 0.43 13.78
C ARG A 12 -9.82 0.20 14.63
N PRO A 13 -10.99 0.55 14.10
CA PRO A 13 -12.21 0.30 14.88
C PRO A 13 -12.36 -1.13 15.35
N LEU A 14 -12.02 -2.18 14.64
CA LEU A 14 -12.29 -3.55 15.08
C LEU A 14 -11.13 -4.16 15.86
N PHE A 15 -10.09 -3.35 16.06
CA PHE A 15 -8.92 -3.88 16.78
C PHE A 15 -8.50 -2.91 17.84
N GLU A 16 -7.62 -1.93 17.59
CA GLU A 16 -7.14 -1.06 18.67
C GLU A 16 -8.29 -0.38 19.41
N LYS A 17 -9.32 0.10 18.71
CA LYS A 17 -10.36 0.86 19.39
C LYS A 17 -11.14 -0.03 20.37
N LYS A 18 -11.08 -1.34 20.20
CA LYS A 18 -11.78 -2.25 21.10
C LYS A 18 -10.80 -3.07 21.93
N SER A 19 -9.52 -2.72 21.93
CA SER A 19 -8.44 -3.50 22.55
C SER A 19 -8.47 -4.96 22.14
N LEU A 20 -8.60 -5.21 20.82
CA LEU A 20 -8.51 -6.53 20.26
C LEU A 20 -7.26 -6.61 19.37
N GLU A 21 -6.57 -7.72 19.45
CA GLU A 21 -5.40 -7.77 18.54
C GLU A 21 -5.69 -8.67 17.36
N ASP A 22 -4.99 -8.37 16.23
CA ASP A 22 -5.19 -9.27 15.08
C ASP A 22 -4.25 -10.46 15.22
N LYS A 23 -4.41 -11.47 14.34
CA LYS A 23 -3.69 -12.72 14.61
C LYS A 23 -2.20 -12.66 14.38
N THR A 24 -1.61 -11.66 13.71
CA THR A 24 -0.18 -11.72 13.47
C THR A 24 0.50 -10.41 13.87
N GLU A 25 -0.19 -9.41 14.43
CA GLU A 25 0.57 -8.20 14.82
C GLU A 25 1.66 -8.47 15.85
N ARG A 26 1.58 -9.54 16.63
CA ARG A 26 2.64 -9.78 17.64
C ARG A 26 3.93 -10.15 16.94
N GLU A 27 3.91 -10.78 15.76
CA GLU A 27 5.14 -10.98 14.97
C GLU A 27 5.84 -9.66 14.69
N LEU A 28 5.09 -8.57 14.42
CA LEU A 28 5.76 -7.29 14.19
C LEU A 28 6.38 -6.79 15.50
N LEU A 29 5.60 -6.81 16.58
CA LEU A 29 6.08 -6.28 17.88
C LEU A 29 7.37 -6.99 18.24
N GLU A 30 7.37 -8.32 18.09
CA GLU A 30 8.56 -9.06 18.53
C GLU A 30 9.81 -8.72 17.73
N SER A 31 9.60 -8.21 16.48
CA SER A 31 10.77 -7.85 15.69
C SER A 31 11.33 -6.51 16.06
N TYR A 32 10.60 -5.70 16.83
CA TYR A 32 11.05 -4.35 17.15
C TYR A 32 11.92 -4.27 18.38
N ILE A 33 13.24 -4.42 18.25
CA ILE A 33 14.00 -4.13 19.47
C ILE A 33 14.51 -2.69 19.54
N ILE B 1 -0.18 -10.64 -3.63
CA ILE B 1 0.67 -11.06 -2.52
C ILE B 1 1.01 -12.54 -2.59
N VAL B 2 2.29 -12.93 -2.54
CA VAL B 2 2.48 -14.40 -2.53
C VAL B 2 2.95 -14.88 -1.17
N GLU B 3 2.51 -16.07 -0.80
CA GLU B 3 2.79 -16.69 0.49
C GLU B 3 2.28 -15.86 1.65
N GLY B 4 1.19 -15.13 1.44
CA GLY B 4 0.51 -14.39 2.51
C GLY B 4 -0.71 -15.16 3.02
N SER B 5 -1.61 -14.49 3.70
CA SER B 5 -2.82 -15.13 4.24
C SER B 5 -4.04 -14.26 4.00
N ASP B 6 -5.26 -14.82 4.10
CA ASP B 6 -6.43 -13.98 4.05
C ASP B 6 -6.42 -12.94 5.16
N ALA B 7 -6.71 -11.68 4.83
CA ALA B 7 -6.87 -10.68 5.90
C ALA B 7 -8.07 -10.99 6.80
N GLU B 8 -8.03 -10.51 8.04
CA GLU B 8 -9.20 -10.49 8.92
C GLU B 8 -10.13 -9.35 8.54
N ILE B 9 -11.42 -9.47 8.88
CA ILE B 9 -12.30 -8.32 8.62
C ILE B 9 -11.81 -7.11 9.40
N GLY B 10 -11.74 -5.97 8.74
CA GLY B 10 -11.29 -4.72 9.33
C GLY B 10 -9.81 -4.65 9.71
N MET B 11 -8.99 -5.57 9.24
CA MET B 11 -7.56 -5.59 9.56
C MET B 11 -6.77 -4.45 8.93
N SER B 12 -7.26 -3.98 7.78
CA SER B 12 -6.49 -2.97 7.03
C SER B 12 -7.46 -1.94 6.49
N PRO B 13 -8.10 -1.18 7.36
CA PRO B 13 -9.26 -0.39 6.94
C PRO B 13 -8.85 0.83 6.12
N TRP B 14 -7.53 1.04 5.97
CA TRP B 14 -7.00 2.09 5.11
C TRP B 14 -6.76 1.54 3.71
N GLN B 15 -6.96 0.26 3.45
CA GLN B 15 -6.73 -0.32 2.12
C GLN B 15 -7.70 0.24 1.08
N VAL B 16 -7.09 0.59 -0.05
CA VAL B 16 -7.91 1.15 -1.15
C VAL B 16 -7.61 0.34 -2.40
N MET B 17 -8.67 0.11 -3.18
CA MET B 17 -8.47 -0.52 -4.49
C MET B 17 -8.62 0.58 -5.54
N LEU B 18 -7.64 0.73 -6.41
CA LEU B 18 -7.81 1.60 -7.59
C LEU B 18 -8.45 0.72 -8.67
N PHE B 19 -9.58 1.18 -9.23
CA PHE B 19 -10.41 0.37 -10.12
C PHE B 19 -10.62 1.06 -11.47
N ARG B 20 -10.37 0.33 -12.53
CA ARG B 20 -10.51 0.98 -13.87
C ARG B 20 -12.00 1.00 -14.25
N LYS B 21 -12.52 2.07 -14.81
CA LYS B 21 -13.95 2.12 -15.15
C LYS B 21 -14.34 1.23 -16.33
N SER B 22 -13.45 1.05 -17.29
CA SER B 22 -13.73 0.33 -18.54
C SER B 22 -12.43 -0.05 -19.22
N PRO B 23 -12.06 -1.34 -19.28
CA PRO B 23 -12.81 -2.45 -18.72
C PRO B 23 -12.70 -2.48 -17.18
N GLN B 24 -13.75 -2.98 -16.53
CA GLN B 24 -13.80 -2.96 -15.06
C GLN B 24 -12.85 -4.00 -14.51
N GLU B 25 -11.79 -3.49 -13.87
CA GLU B 25 -10.72 -4.33 -13.38
C GLU B 25 -9.84 -3.61 -12.35
N LEU B 26 -9.18 -4.42 -11.54
CA LEU B 26 -8.22 -3.96 -10.55
C LEU B 26 -7.06 -3.27 -11.27
N LEU B 27 -6.78 -2.04 -10.90
CA LEU B 27 -5.59 -1.36 -11.44
C LEU B 27 -4.41 -1.44 -10.49
N CYS B 28 -4.68 -1.21 -9.21
CA CYS B 28 -3.61 -1.10 -8.22
C CYS B 28 -4.19 -1.08 -6.80
N GLY B 29 -3.26 -1.10 -5.86
CA GLY B 29 -3.61 -0.81 -4.46
C GLY B 29 -3.33 0.66 -4.16
N ALA B 30 -3.70 1.11 -2.96
CA ALA B 30 -3.58 2.48 -2.51
C ALA B 30 -3.99 2.52 -1.03
N SER B 31 -3.90 3.70 -0.44
CA SER B 31 -4.23 3.76 1.00
C SER B 31 -4.93 5.06 1.32
N LEU B 32 -5.79 4.99 2.34
CA LEU B 32 -6.50 6.16 2.77
C LEU B 32 -5.73 6.92 3.85
N ILE B 33 -5.49 8.20 3.58
CA ILE B 33 -4.70 8.93 4.58
C ILE B 33 -5.47 10.07 5.23
N SER B 34 -6.67 10.37 4.71
CA SER B 34 -7.54 11.34 5.38
C SER B 34 -8.92 11.12 4.79
N ASP B 35 -9.94 11.93 5.16
CA ASP B 35 -11.23 11.65 4.55
C ASP B 35 -11.33 12.04 3.07
N ARG B 36 -10.31 12.71 2.51
CA ARG B 36 -10.42 12.84 1.06
C ARG B 36 -9.09 12.69 0.33
N TRP B 37 -8.05 12.14 0.95
CA TRP B 37 -6.79 11.96 0.24
C TRP B 37 -6.38 10.48 0.22
N VAL B 38 -5.97 9.98 -0.92
CA VAL B 38 -5.55 8.60 -1.10
C VAL B 38 -4.13 8.62 -1.65
N LEU B 39 -3.28 7.77 -1.09
CA LEU B 39 -1.88 7.70 -1.51
C LEU B 39 -1.65 6.47 -2.35
N THR B 40 -0.87 6.54 -3.44
CA THR B 40 -0.51 5.34 -4.20
C THR B 40 0.91 5.48 -4.80
N ALA B 41 1.25 4.54 -5.65
CA ALA B 41 2.48 4.62 -6.45
C ALA B 41 2.24 5.41 -7.75
N ALA B 42 3.22 6.23 -8.12
CA ALA B 42 3.13 6.95 -9.39
C ALA B 42 2.97 5.98 -10.54
N HIS B 43 3.66 4.85 -10.51
CA HIS B 43 3.66 3.95 -11.67
C HIS B 43 2.26 3.37 -11.89
N CYS B 44 1.36 3.47 -10.90
CA CYS B 44 -0.01 3.03 -11.03
C CYS B 44 -0.77 3.90 -12.02
N LEU B 45 -0.31 5.13 -12.16
CA LEU B 45 -1.01 6.12 -12.97
C LEU B 45 -0.25 6.51 -14.23
N LEU B 46 1.08 6.50 -14.12
CA LEU B 46 1.90 6.96 -15.24
C LEU B 46 3.07 6.03 -15.44
N TYR B 47 3.10 5.29 -16.55
CA TYR B 47 4.25 4.43 -16.82
C TYR B 47 4.35 4.24 -18.33
N PRO B 48 4.96 5.21 -18.99
CA PRO B 48 5.03 5.22 -20.47
C PRO B 48 5.62 3.98 -21.08
N PRO B 49 6.58 3.24 -20.57
CA PRO B 49 7.00 2.02 -21.23
C PRO B 49 5.89 1.00 -21.45
N TRP B 50 4.85 1.09 -20.62
CA TRP B 50 3.71 0.19 -20.79
C TRP B 50 2.49 0.92 -21.35
N ASP B 51 2.67 2.11 -21.90
CA ASP B 51 1.63 2.97 -22.42
C ASP B 51 0.57 3.29 -21.37
N LYS B 52 1.02 3.39 -20.13
CA LYS B 52 0.04 3.72 -19.07
C LYS B 52 0.12 5.19 -18.72
N ASN B 53 -1.05 5.83 -18.79
CA ASN B 53 -1.17 7.24 -18.44
C ASN B 53 -2.61 7.59 -18.10
N PHE B 54 -3.04 7.36 -16.86
CA PHE B 54 -4.45 7.46 -16.54
C PHE B 54 -4.82 8.89 -16.16
N THR B 55 -6.06 9.23 -16.47
CA THR B 55 -6.67 10.49 -16.08
C THR B 55 -7.69 10.20 -14.97
N GLU B 56 -8.06 11.26 -14.30
CA GLU B 56 -8.99 11.21 -13.18
C GLU B 56 -10.25 10.48 -13.60
N ASN B 57 -10.79 10.84 -14.76
CA ASN B 57 -12.09 10.28 -15.12
C ASN B 57 -12.02 8.83 -15.57
N ASP B 58 -10.84 8.23 -15.70
CA ASP B 58 -10.61 6.86 -16.05
C ASP B 58 -10.75 5.90 -14.87
N LEU B 59 -10.77 6.42 -13.64
CA LEU B 59 -10.64 5.55 -12.47
C LEU B 59 -11.71 5.77 -11.40
N LEU B 60 -11.81 4.79 -10.51
CA LEU B 60 -12.53 4.98 -9.25
C LEU B 60 -11.70 4.45 -8.08
N VAL B 61 -12.04 4.96 -6.89
CA VAL B 61 -11.42 4.42 -5.66
C VAL B 61 -12.48 3.59 -4.91
N ARG B 62 -12.14 2.36 -4.55
CA ARG B 62 -13.03 1.50 -3.78
C ARG B 62 -12.39 1.27 -2.38
N ILE B 63 -13.13 1.70 -1.37
CA ILE B 63 -12.62 1.79 0.02
C ILE B 63 -13.48 0.93 0.92
N GLY B 64 -12.87 0.27 1.90
CA GLY B 64 -13.66 -0.59 2.76
C GLY B 64 -13.75 -2.01 2.27
N LYS B 65 -12.99 -2.39 1.23
CA LYS B 65 -13.17 -3.70 0.66
C LYS B 65 -12.44 -4.83 1.38
N HIS B 66 -12.93 -6.03 1.11
CA HIS B 66 -12.34 -7.28 1.54
C HIS B 66 -12.29 -8.20 0.34
N SER B 67 -13.45 -8.59 -0.17
CA SER B 67 -13.45 -9.44 -1.38
C SER B 67 -12.83 -8.70 -2.55
N ARG B 68 -12.09 -9.42 -3.39
CA ARG B 68 -11.51 -8.82 -4.60
C ARG B 68 -12.59 -8.41 -5.60
N THR B 69 -13.44 -9.38 -5.94
CA THR B 69 -14.27 -9.20 -7.15
C THR B 69 -15.69 -8.74 -6.86
N ARG B 70 -16.14 -9.04 -5.65
CA ARG B 70 -17.54 -8.79 -5.33
C ARG B 70 -17.82 -7.32 -5.08
N TYR B 71 -19.03 -6.88 -5.35
CA TYR B 71 -19.46 -5.56 -4.96
C TYR B 71 -20.02 -5.68 -3.53
N GLU B 72 -19.39 -5.01 -2.57
CA GLU B 72 -19.66 -5.32 -1.13
C GLU B 72 -20.59 -4.27 -0.58
N ARG B 73 -21.86 -4.56 -0.96
CA ARG B 73 -22.99 -3.74 -0.64
C ARG B 73 -23.08 -3.42 0.85
N ASN B 74 -23.31 -2.16 1.16
CA ASN B 74 -23.44 -1.65 2.50
C ASN B 74 -22.14 -1.59 3.29
N ILE B 75 -21.02 -1.86 2.61
CA ILE B 75 -19.75 -1.87 3.33
C ILE B 75 -18.73 -1.01 2.59
N GLU B 76 -18.43 -1.43 1.34
CA GLU B 76 -17.48 -0.62 0.58
C GLU B 76 -18.11 0.69 0.16
N LYS B 77 -17.26 1.68 -0.11
CA LYS B 77 -17.72 2.96 -0.61
C LYS B 77 -16.87 3.23 -1.86
N ILE B 78 -17.51 3.81 -2.87
CA ILE B 78 -16.84 3.96 -4.16
C ILE B 78 -16.77 5.45 -4.45
N SER B 79 -15.58 5.96 -4.73
CA SER B 79 -15.33 7.39 -4.79
C SER B 79 -14.73 7.78 -6.13
N MET B 80 -15.10 8.97 -6.62
CA MET B 80 -14.53 9.56 -7.82
C MET B 80 -13.35 10.47 -7.49
N LEU B 81 -12.43 10.58 -8.45
CA LEU B 81 -11.26 11.43 -8.21
CA LEU B 81 -11.25 11.41 -8.25
C LEU B 81 -11.47 12.86 -8.69
N GLU B 82 -11.09 13.79 -7.83
CA GLU B 82 -11.08 15.20 -8.16
C GLU B 82 -9.80 15.51 -8.91
N LYS B 83 -8.69 14.97 -8.41
CA LYS B 83 -7.42 15.33 -9.03
C LYS B 83 -6.30 14.36 -8.66
N ILE B 84 -5.39 14.16 -9.60
CA ILE B 84 -4.21 13.31 -9.36
C ILE B 84 -2.97 14.19 -9.30
N TYR B 85 -2.08 13.97 -8.33
CA TYR B 85 -0.81 14.67 -8.21
C TYR B 85 0.31 13.63 -8.24
N ILE B 86 1.19 13.71 -9.23
CA ILE B 86 2.34 12.81 -9.27
C ILE B 86 3.60 13.56 -8.88
N HIS B 87 4.53 12.93 -8.16
CA HIS B 87 5.79 13.59 -7.83
C HIS B 87 6.46 14.15 -9.09
N PRO B 88 6.83 15.43 -9.06
CA PRO B 88 7.41 16.05 -10.27
C PRO B 88 8.77 15.46 -10.65
N ARG B 89 9.41 14.74 -9.73
CA ARG B 89 10.71 14.12 -10.05
C ARG B 89 10.63 12.60 -9.96
N TYR B 90 9.41 12.07 -10.11
CA TYR B 90 9.25 10.63 -10.34
C TYR B 90 10.05 10.12 -11.53
N ASN B 91 10.84 9.08 -11.33
CA ASN B 91 11.75 8.62 -12.40
C ASN B 91 11.24 7.32 -12.98
N TRP B 92 10.30 7.45 -13.92
CA TRP B 92 9.80 6.30 -14.65
C TRP B 92 10.77 5.82 -15.73
N ARG B 93 11.73 6.66 -16.09
CA ARG B 93 12.63 6.23 -17.18
C ARG B 93 13.62 5.18 -16.74
N GLU B 94 14.06 5.32 -15.47
CA GLU B 94 15.13 4.42 -15.03
C GLU B 94 14.78 3.44 -13.94
N ASN B 95 14.54 3.95 -12.73
CA ASN B 95 14.39 3.06 -11.57
C ASN B 95 13.20 3.32 -10.67
N LEU B 96 12.20 4.08 -11.09
CA LEU B 96 11.00 4.33 -10.28
C LEU B 96 11.37 5.07 -9.00
N ASP B 97 12.46 5.83 -9.01
CA ASP B 97 12.77 6.75 -7.90
C ASP B 97 11.62 7.70 -7.65
N ARG B 98 11.24 7.99 -6.40
CA ARG B 98 10.15 8.87 -6.01
C ARG B 98 8.83 8.35 -6.60
N ASP B 99 8.58 7.03 -6.46
CA ASP B 99 7.36 6.38 -6.95
C ASP B 99 6.17 6.63 -6.01
N ILE B 100 5.65 7.85 -6.13
CA ILE B 100 4.54 8.26 -5.24
C ILE B 100 3.56 9.19 -5.95
N ALA B 101 2.29 9.08 -5.58
CA ALA B 101 1.29 9.97 -6.13
C ALA B 101 0.16 10.11 -5.08
N LEU B 102 -0.48 11.25 -5.09
CA LEU B 102 -1.69 11.54 -4.31
C LEU B 102 -2.94 11.65 -5.18
N MET B 103 -4.06 11.21 -4.64
CA MET B 103 -5.35 11.38 -5.31
C MET B 103 -6.34 12.08 -4.38
N LYS B 104 -6.90 13.20 -4.83
CA LYS B 104 -7.92 13.87 -4.02
C LYS B 104 -9.31 13.46 -4.47
N LEU B 105 -10.16 13.17 -3.49
CA LEU B 105 -11.49 12.63 -3.80
C LEU B 105 -12.50 13.76 -4.04
N LYS B 106 -13.49 13.49 -4.88
CA LYS B 106 -14.51 14.50 -5.16
C LYS B 106 -15.25 14.89 -3.88
N LYS B 107 -15.53 13.93 -3.00
CA LYS B 107 -16.22 14.20 -1.75
C LYS B 107 -15.58 13.38 -0.62
N PRO B 108 -15.73 13.82 0.61
CA PRO B 108 -15.09 13.07 1.72
C PRO B 108 -15.72 11.69 1.85
N VAL B 109 -14.91 10.70 2.25
CA VAL B 109 -15.52 9.40 2.52
C VAL B 109 -15.91 9.31 4.00
N ALA B 110 -17.02 8.63 4.28
CA ALA B 110 -17.46 8.39 5.64
C ALA B 110 -16.67 7.22 6.25
N PHE B 111 -16.08 7.50 7.41
CA PHE B 111 -15.36 6.46 8.15
C PHE B 111 -16.38 5.46 8.73
N SER B 112 -15.91 4.24 8.96
CA SER B 112 -16.76 3.17 9.47
C SER B 112 -15.90 2.09 10.10
N ASP B 113 -16.51 0.98 10.48
CA ASP B 113 -15.70 -0.10 11.02
C ASP B 113 -14.67 -0.57 9.97
N TYR B 114 -14.93 -0.44 8.69
CA TYR B 114 -14.14 -0.99 7.61
C TYR B 114 -13.31 0.07 6.86
N ILE B 115 -13.45 1.35 7.18
CA ILE B 115 -12.89 2.50 6.51
C ILE B 115 -12.32 3.46 7.53
N HIS B 116 -10.97 3.55 7.52
CA HIS B 116 -10.30 4.40 8.50
C HIS B 116 -8.88 4.70 8.03
N PRO B 117 -8.40 5.89 8.25
CA PRO B 117 -7.09 6.21 7.68
C PRO B 117 -5.91 5.75 8.52
N VAL B 118 -4.83 5.52 7.78
CA VAL B 118 -3.55 5.15 8.39
C VAL B 118 -2.74 6.39 8.71
N CYS B 119 -1.80 6.30 9.66
CA CYS B 119 -0.95 7.46 9.92
C CYS B 119 0.25 7.51 8.97
N LEU B 120 0.74 8.74 8.75
CA LEU B 120 2.01 8.85 8.02
C LEU B 120 3.09 9.19 9.02
N PRO B 121 4.29 8.66 8.86
CA PRO B 121 5.32 8.78 9.88
C PRO B 121 5.89 10.18 9.99
N ASP B 122 6.22 10.53 11.23
CA ASP B 122 7.09 11.68 11.47
C ASP B 122 8.53 11.19 11.48
N ARG B 123 9.46 12.15 11.46
CA ARG B 123 10.86 11.78 11.45
C ARG B 123 11.26 10.83 12.57
N GLU B 124 10.67 10.99 13.77
CA GLU B 124 11.13 10.13 14.88
C GLU B 124 10.62 8.71 14.77
N THR B 125 9.33 8.51 14.39
CA THR B 125 8.83 7.15 14.16
C THR B 125 9.58 6.46 13.02
N ALA B 126 9.87 7.16 11.92
CA ALA B 126 10.70 6.62 10.86
C ALA B 126 12.09 6.24 11.34
N ALA B 127 12.72 7.12 12.13
CA ALA B 127 14.05 6.69 12.55
C ALA B 127 13.96 5.48 13.46
N SER B 128 12.91 5.39 14.27
CA SER B 128 12.85 4.26 15.19
C SER B 128 12.51 2.96 14.51
N LEU B 129 11.60 3.02 13.53
CA LEU B 129 11.06 1.78 12.97
C LEU B 129 11.75 1.26 11.73
N LEU B 130 12.35 2.17 10.95
CA LEU B 130 12.92 1.63 9.69
C LEU B 130 14.34 1.13 9.93
N GLN B 131 14.45 -0.05 10.49
CA GLN B 131 15.68 -0.71 10.88
C GLN B 131 15.69 -2.11 10.31
N ALA B 132 16.81 -2.56 9.77
CA ALA B 132 16.92 -3.90 9.27
C ALA B 132 16.44 -4.88 10.32
N GLY B 133 15.66 -5.85 9.91
CA GLY B 133 15.10 -6.88 10.76
C GLY B 133 13.72 -6.53 11.30
N TYR B 134 13.43 -5.24 11.42
CA TYR B 134 12.07 -4.91 11.91
C TYR B 134 11.05 -5.27 10.84
N LYS B 135 9.93 -5.83 11.24
CA LYS B 135 8.93 -6.23 10.25
C LYS B 135 7.79 -5.23 10.03
N GLY B 136 7.36 -5.16 8.77
CA GLY B 136 6.15 -4.44 8.39
C GLY B 136 5.18 -5.42 7.75
N ARG B 137 4.08 -4.86 7.28
CA ARG B 137 2.99 -5.65 6.72
C ARG B 137 2.57 -5.07 5.38
N VAL B 138 2.41 -5.93 4.38
CA VAL B 138 1.98 -5.46 3.06
CA VAL B 138 1.98 -5.47 3.06
C VAL B 138 0.66 -6.15 2.70
N THR B 139 -0.24 -5.42 2.05
CA THR B 139 -1.57 -5.97 1.83
C THR B 139 -1.95 -5.73 0.38
N GLY B 140 -2.71 -6.66 -0.21
CA GLY B 140 -3.19 -6.30 -1.57
C GLY B 140 -4.04 -7.41 -2.20
N TRP B 141 -4.60 -7.10 -3.37
CA TRP B 141 -5.38 -8.07 -4.13
C TRP B 141 -4.67 -8.56 -5.37
N GLY B 142 -3.35 -8.43 -5.41
CA GLY B 142 -2.59 -8.80 -6.60
C GLY B 142 -2.31 -10.29 -6.71
N ASN B 143 -1.53 -10.69 -7.72
CA ASN B 143 -1.34 -12.11 -7.95
C ASN B 143 -0.77 -12.86 -6.76
N LEU B 144 -1.18 -14.11 -6.64
CA LEU B 144 -0.67 -15.01 -5.60
C LEU B 144 0.62 -15.70 -5.96
N LYS B 145 0.99 -15.68 -7.25
CA LYS B 145 2.34 -16.13 -7.64
C LYS B 145 2.81 -15.38 -8.89
N GLU B 146 4.11 -15.52 -9.14
CA GLU B 146 4.67 -14.87 -10.31
C GLU B 146 4.22 -15.59 -11.58
N THR B 147 3.56 -14.87 -12.47
CA THR B 147 3.02 -15.39 -13.73
C THR B 147 1.76 -14.61 -14.12
N GLY B 155 -2.40 -17.35 -9.28
CA GLY B 155 -3.83 -17.11 -9.43
C GLY B 155 -4.20 -15.72 -8.90
N GLN B 156 -5.48 -15.37 -8.87
CA GLN B 156 -5.98 -14.18 -8.20
C GLN B 156 -6.66 -14.55 -6.89
N PRO B 157 -6.52 -13.79 -5.80
CA PRO B 157 -7.22 -14.16 -4.56
C PRO B 157 -8.70 -13.81 -4.52
N SER B 158 -9.45 -14.54 -3.65
CA SER B 158 -10.85 -14.19 -3.43
C SER B 158 -10.97 -12.97 -2.55
N VAL B 159 -10.04 -12.89 -1.54
CA VAL B 159 -10.07 -11.75 -0.64
C VAL B 159 -8.67 -11.18 -0.42
N LEU B 160 -8.68 -9.98 0.18
CA LEU B 160 -7.48 -9.23 0.53
C LEU B 160 -6.45 -10.13 1.21
N GLN B 161 -5.21 -10.02 0.75
CA GLN B 161 -4.14 -10.85 1.26
C GLN B 161 -3.17 -10.00 2.12
N VAL B 162 -2.53 -10.64 3.08
CA VAL B 162 -1.65 -9.98 4.05
CA VAL B 162 -1.63 -9.95 4.02
C VAL B 162 -0.35 -10.74 4.22
N VAL B 163 0.79 -10.07 4.31
CA VAL B 163 2.05 -10.77 4.56
C VAL B 163 2.94 -9.87 5.41
N ASN B 164 3.60 -10.40 6.43
CA ASN B 164 4.54 -9.63 7.25
C ASN B 164 5.95 -9.90 6.75
N LEU B 165 6.74 -8.85 6.54
CA LEU B 165 8.07 -8.98 5.93
C LEU B 165 9.08 -8.10 6.64
N PRO B 166 10.29 -8.61 6.88
CA PRO B 166 11.31 -7.81 7.52
C PRO B 166 12.05 -6.85 6.58
N ILE B 167 12.37 -5.66 7.08
CA ILE B 167 13.18 -4.69 6.35
C ILE B 167 14.57 -5.27 6.21
N VAL B 168 15.17 -5.06 5.04
CA VAL B 168 16.48 -5.67 4.78
C VAL B 168 17.56 -4.60 4.78
N GLU B 169 18.78 -4.98 5.15
CA GLU B 169 19.86 -4.00 5.19
C GLU B 169 20.19 -3.47 3.79
N ARG B 170 20.48 -2.19 3.72
CA ARG B 170 20.75 -1.53 2.44
C ARG B 170 21.83 -2.24 1.63
N PRO B 171 22.97 -2.70 2.14
CA PRO B 171 23.90 -3.40 1.25
C PRO B 171 23.34 -4.67 0.63
N VAL B 172 22.46 -5.39 1.34
CA VAL B 172 21.87 -6.59 0.80
C VAL B 172 20.87 -6.22 -0.28
N CYS B 173 20.06 -5.18 -0.02
CA CYS B 173 19.19 -4.70 -1.08
C CYS B 173 20.01 -4.38 -2.34
N LYS B 174 21.07 -3.62 -2.21
CA LYS B 174 21.85 -3.17 -3.38
C LYS B 174 22.50 -4.33 -4.13
N ASP B 175 23.01 -5.27 -3.35
CA ASP B 175 23.68 -6.43 -3.94
C ASP B 175 22.73 -7.44 -4.55
N SER B 176 21.40 -7.27 -4.41
CA SER B 176 20.49 -8.24 -4.96
C SER B 176 20.05 -7.89 -6.38
N THR B 177 20.50 -6.73 -6.85
CA THR B 177 19.94 -6.27 -8.12
C THR B 177 20.96 -5.46 -8.91
N ARG B 178 20.76 -5.33 -10.23
CA ARG B 178 21.59 -4.40 -10.98
C ARG B 178 20.91 -3.04 -11.05
N ILE B 179 19.66 -2.86 -10.61
CA ILE B 179 19.00 -1.55 -10.69
C ILE B 179 19.61 -0.59 -9.69
N ARG B 180 19.68 0.70 -10.03
CA ARG B 180 20.26 1.69 -9.13
C ARG B 180 19.30 2.05 -7.99
N ILE B 181 19.67 1.71 -6.76
CA ILE B 181 18.75 1.97 -5.63
C ILE B 181 19.00 3.35 -5.05
N THR B 182 17.99 4.04 -4.50
CA THR B 182 18.17 5.39 -3.98
C THR B 182 17.75 5.44 -2.51
N ASP B 183 18.01 6.59 -1.88
CA ASP B 183 17.59 6.76 -0.50
C ASP B 183 16.05 6.87 -0.42
N ASN B 184 15.37 6.99 -1.55
CA ASN B 184 13.90 7.12 -1.53
C ASN B 184 13.21 5.76 -1.62
N MET B 185 13.97 4.71 -1.44
CA MET B 185 13.49 3.34 -1.42
C MET B 185 14.08 2.54 -0.25
N PHE B 186 13.31 1.53 0.14
CA PHE B 186 13.89 0.49 1.00
C PHE B 186 13.40 -0.86 0.49
N CYS B 187 14.08 -1.90 0.94
CA CYS B 187 13.61 -3.23 0.46
C CYS B 187 13.26 -4.10 1.66
N ALA B 188 12.40 -5.08 1.36
CA ALA B 188 11.92 -5.95 2.42
C ALA B 188 11.69 -7.36 1.87
N GLY B 189 11.82 -8.31 2.80
CA GLY B 189 11.68 -9.72 2.44
C GLY B 189 12.66 -10.60 3.21
N TYR B 190 12.37 -11.90 3.16
CA TYR B 190 13.25 -12.86 3.83
C TYR B 190 14.42 -13.27 2.94
N LYS B 191 15.54 -13.59 3.53
CA LYS B 191 16.68 -14.13 2.79
C LYS B 191 16.47 -15.61 2.58
N PRO B 192 17.13 -16.14 1.54
CA PRO B 192 16.99 -17.55 1.18
C PRO B 192 17.24 -18.45 2.38
N ASP B 193 18.23 -18.07 3.20
CA ASP B 193 18.50 -18.95 4.35
C ASP B 193 17.51 -18.78 5.50
N GLU B 194 16.60 -17.81 5.44
CA GLU B 194 15.73 -17.53 6.59
C GLU B 194 14.54 -18.47 6.66
N GLY B 195 14.35 -19.29 5.63
CA GLY B 195 13.24 -20.21 5.61
C GLY B 195 11.96 -19.59 5.04
N LYS B 196 11.35 -18.69 5.78
CA LYS B 196 10.09 -18.04 5.48
C LYS B 196 10.16 -17.30 4.14
N ARG B 197 8.99 -17.08 3.53
CA ARG B 197 9.06 -16.28 2.30
C ARG B 197 7.86 -15.36 2.20
N GLY B 198 7.68 -14.74 1.04
CA GLY B 198 6.56 -13.87 0.80
C GLY B 198 7.00 -12.59 0.13
N ASP B 199 6.06 -11.95 -0.56
CA ASP B 199 6.40 -10.75 -1.34
C ASP B 199 5.13 -10.16 -1.89
N ALA B 200 5.21 -8.91 -2.36
CA ALA B 200 4.21 -8.31 -3.19
C ALA B 200 4.36 -8.92 -4.60
N CYS B 201 3.36 -8.64 -5.43
CA CYS B 201 3.42 -9.09 -6.83
C CYS B 201 2.58 -8.13 -7.64
N GLU B 202 2.49 -8.39 -8.96
CA GLU B 202 1.63 -7.62 -9.83
C GLU B 202 0.23 -7.40 -9.26
N GLY B 203 -0.31 -6.21 -9.26
CA GLY B 203 -1.62 -5.88 -8.78
C GLY B 203 -1.52 -5.30 -7.37
N ASP B 204 -0.38 -5.57 -6.69
CA ASP B 204 -0.21 -5.04 -5.34
C ASP B 204 0.43 -3.66 -5.30
N SER B 205 1.01 -3.26 -6.45
CA SER B 205 1.51 -1.92 -6.67
C SER B 205 0.65 -0.86 -6.01
N GLY B 206 1.30 0.12 -5.36
CA GLY B 206 0.62 1.25 -4.78
C GLY B 206 0.05 1.00 -3.37
N GLY B 207 0.02 -0.26 -2.94
CA GLY B 207 -0.54 -0.56 -1.62
C GLY B 207 0.50 -0.25 -0.56
N PRO B 208 0.04 -0.32 0.69
CA PRO B 208 0.88 0.14 1.79
C PRO B 208 1.70 -0.96 2.43
N PHE B 209 2.90 -0.54 2.87
CA PHE B 209 3.74 -1.25 3.81
C PHE B 209 3.56 -0.54 5.15
N VAL B 210 2.93 -1.21 6.12
CA VAL B 210 2.66 -0.52 7.39
C VAL B 210 3.39 -1.18 8.58
N MET B 211 3.58 -0.39 9.62
CA MET B 211 4.22 -0.88 10.85
C MET B 211 3.39 -0.40 12.04
N LYS B 212 3.31 -1.17 13.12
CA LYS B 212 2.59 -0.68 14.30
C LYS B 212 3.58 -0.18 15.34
N SER B 213 3.48 1.13 15.59
CA SER B 213 4.46 1.72 16.50
C SER B 213 4.27 1.14 17.91
N PRO B 214 5.35 0.63 18.49
CA PRO B 214 5.24 0.14 19.88
C PRO B 214 5.22 1.26 20.89
N PHE B 215 5.46 2.48 20.45
CA PHE B 215 5.40 3.64 21.37
C PHE B 215 3.98 4.16 21.59
N ASN B 216 3.14 4.23 20.55
CA ASN B 216 1.78 4.75 20.71
C ASN B 216 0.70 3.82 20.16
N ASN B 217 1.12 2.64 19.70
CA ASN B 217 0.27 1.58 19.27
C ASN B 217 -0.62 1.97 18.10
N ARG B 218 -0.11 2.84 17.23
CA ARG B 218 -0.79 3.26 16.03
C ARG B 218 -0.08 2.70 14.78
N TRP B 219 -0.90 2.44 13.76
CA TRP B 219 -0.30 1.96 12.50
C TRP B 219 0.15 3.13 11.63
N TYR B 220 1.37 2.99 11.12
CA TYR B 220 1.97 3.96 10.24
C TYR B 220 2.34 3.36 8.88
N GLN B 221 2.05 4.13 7.82
CA GLN B 221 2.46 3.68 6.49
C GLN B 221 3.88 4.15 6.17
N MET B 222 4.80 3.20 6.20
CA MET B 222 6.20 3.52 5.97
C MET B 222 6.57 3.40 4.50
N GLY B 223 5.86 2.59 3.74
CA GLY B 223 6.29 2.35 2.37
C GLY B 223 5.11 2.16 1.45
N ILE B 224 5.42 2.28 0.15
CA ILE B 224 4.44 2.01 -0.90
C ILE B 224 4.99 0.88 -1.77
N VAL B 225 4.16 -0.11 -2.08
CA VAL B 225 4.60 -1.17 -2.99
C VAL B 225 5.09 -0.62 -4.32
N SER B 226 6.37 -0.82 -4.66
CA SER B 226 6.91 -0.12 -5.84
C SER B 226 7.42 -1.10 -6.89
N TRP B 227 8.44 -1.90 -6.62
CA TRP B 227 8.98 -2.74 -7.70
C TRP B 227 9.71 -3.94 -7.15
N GLY B 228 9.85 -4.93 -8.03
CA GLY B 228 10.54 -6.18 -7.70
C GLY B 228 10.83 -6.92 -9.01
N GLU B 229 11.92 -7.65 -9.01
CA GLU B 229 12.22 -8.48 -10.18
C GLU B 229 11.59 -9.83 -9.95
N GLY B 230 10.47 -10.05 -10.64
CA GLY B 230 9.66 -11.23 -10.39
C GLY B 230 8.92 -11.01 -9.05
N CYS B 231 8.50 -12.11 -8.45
CA CYS B 231 7.76 -12.06 -7.19
C CYS B 231 8.19 -13.24 -6.33
N ASP B 232 8.64 -12.95 -5.10
CA ASP B 232 8.97 -14.02 -4.17
C ASP B 232 10.10 -14.91 -4.73
N ARG B 233 11.03 -14.32 -5.47
CA ARG B 233 12.17 -15.11 -5.90
C ARG B 233 13.24 -15.12 -4.82
N ASP B 234 13.91 -16.25 -4.64
CA ASP B 234 15.07 -16.33 -3.76
C ASP B 234 16.15 -15.32 -4.12
N GLY B 235 16.65 -14.62 -3.10
CA GLY B 235 17.78 -13.71 -3.28
C GLY B 235 17.36 -12.37 -3.84
N LYS B 236 16.07 -12.20 -4.10
CA LYS B 236 15.46 -10.95 -4.55
C LYS B 236 14.56 -10.43 -3.44
N TYR B 237 14.28 -9.11 -3.50
CA TYR B 237 13.57 -8.41 -2.46
C TYR B 237 12.55 -7.48 -3.09
N GLY B 238 11.47 -7.20 -2.36
CA GLY B 238 10.58 -6.18 -2.89
C GLY B 238 11.08 -4.83 -2.45
N PHE B 239 10.82 -3.79 -3.27
CA PHE B 239 11.24 -2.41 -3.04
C PHE B 239 10.02 -1.53 -2.89
N TYR B 240 10.20 -0.66 -1.89
CA TYR B 240 9.10 0.18 -1.43
C TYR B 240 9.52 1.65 -1.42
N THR B 241 8.56 2.49 -1.82
CA THR B 241 8.81 3.94 -1.71
C THR B 241 8.92 4.34 -0.25
N HIS B 242 9.95 5.10 0.06
CA HIS B 242 10.17 5.57 1.45
C HIS B 242 9.32 6.79 1.70
N VAL B 243 8.16 6.55 2.36
CA VAL B 243 7.16 7.60 2.51
C VAL B 243 7.72 8.78 3.26
N PHE B 244 8.49 8.56 4.35
CA PHE B 244 8.92 9.67 5.17
C PHE B 244 9.85 10.58 4.36
N ARG B 245 10.65 9.96 3.50
CA ARG B 245 11.62 10.75 2.72
C ARG B 245 10.89 11.71 1.78
N LEU B 246 9.63 11.43 1.45
CA LEU B 246 8.89 12.23 0.47
C LEU B 246 7.78 13.04 1.12
N LYS B 247 7.86 13.10 2.46
CA LYS B 247 6.92 13.75 3.32
C LYS B 247 6.77 15.22 2.97
N LYS B 248 7.90 15.85 2.65
CA LYS B 248 7.83 17.27 2.32
C LYS B 248 6.91 17.50 1.14
N TRP B 249 7.07 16.69 0.10
CA TRP B 249 6.22 16.79 -1.06
C TRP B 249 4.75 16.54 -0.74
N ILE B 250 4.47 15.51 0.06
CA ILE B 250 3.11 15.17 0.45
C ILE B 250 2.43 16.35 1.17
N GLN B 251 3.16 16.95 2.10
CA GLN B 251 2.55 18.08 2.82
C GLN B 251 2.33 19.30 1.94
N LYS B 252 3.29 19.59 1.06
CA LYS B 252 3.12 20.69 0.12
C LYS B 252 1.84 20.51 -0.67
N VAL B 253 1.61 19.31 -1.19
CA VAL B 253 0.42 19.08 -2.00
C VAL B 253 -0.87 19.25 -1.20
N ILE B 254 -0.88 18.61 -0.04
CA ILE B 254 -2.08 18.68 0.77
C ILE B 254 -2.29 20.10 1.25
N ASP B 255 -1.23 20.78 1.66
CA ASP B 255 -1.31 22.17 2.13
C ASP B 255 -1.65 23.15 1.02
N GLN B 256 -1.34 22.83 -0.25
CA GLN B 256 -1.72 23.79 -1.28
C GLN B 256 -3.08 23.44 -1.88
N PHE B 257 -3.37 22.15 -2.07
CA PHE B 257 -4.62 21.84 -2.77
C PHE B 257 -5.68 21.38 -1.78
N GLY B 258 -5.27 21.27 -0.53
CA GLY B 258 -6.17 20.99 0.58
C GLY B 258 -7.10 19.81 0.30
N GLY C 1 -15.81 -8.46 -16.93
CA GLY C 1 -14.96 -9.65 -16.96
C GLY C 1 -15.26 -10.60 -15.79
N ASP C 2 -14.49 -10.45 -14.72
CA ASP C 2 -14.50 -11.31 -13.54
C ASP C 2 -15.02 -10.60 -12.30
N PHE C 3 -15.16 -9.29 -12.45
CA PHE C 3 -15.58 -8.42 -11.36
C PHE C 3 -17.09 -8.27 -11.35
N GLU C 4 -17.68 -8.36 -10.17
CA GLU C 4 -19.12 -8.11 -10.11
C GLU C 4 -19.34 -6.67 -10.54
N GLU C 5 -20.37 -6.46 -11.37
CA GLU C 5 -20.67 -5.12 -11.87
C GLU C 5 -20.99 -4.20 -10.71
N ILE C 6 -20.59 -2.93 -10.82
CA ILE C 6 -20.89 -1.97 -9.76
C ILE C 6 -22.17 -1.23 -10.12
N PRO C 7 -22.80 -0.59 -9.14
CA PRO C 7 -23.95 0.28 -9.37
C PRO C 7 -23.65 1.44 -10.33
N GLU C 8 -24.52 1.55 -11.34
CA GLU C 8 -24.42 2.48 -12.44
C GLU C 8 -24.12 3.90 -11.96
N GLU C 9 -24.62 4.27 -10.80
CA GLU C 9 -24.40 5.60 -10.26
C GLU C 9 -22.93 6.02 -10.27
N TYS C 10 -22.02 5.07 -10.05
CA TYS C 10 -20.58 5.48 -10.02
CB TYS C 10 -19.76 4.52 -9.14
CG TYS C 10 -20.41 4.27 -7.81
CD1 TYS C 10 -20.44 5.25 -6.79
CD2 TYS C 10 -20.86 2.96 -7.51
CE1 TYS C 10 -21.04 4.98 -5.54
CE2 TYS C 10 -21.52 2.71 -6.30
CZ TYS C 10 -21.59 3.70 -5.29
OH TYS C 10 -22.18 3.40 -4.09
S TYS C 10 -21.28 2.98 -2.90
O1 TYS C 10 -20.47 4.17 -2.47
O2 TYS C 10 -22.28 2.88 -1.86
O3 TYS C 10 -20.61 1.80 -3.27
C TYS C 10 -19.91 5.47 -11.39
O TYS C 10 -18.77 5.88 -11.39
NA NA D . 12.78 -12.99 -2.30
NA NA E . 23.91 -4.26 -7.20
N1 22U F . 9.87 -5.80 -12.64
C2 22U F . 10.02 -4.32 -12.79
C3 22U F . 8.99 -3.65 -11.88
O1 22U F . 8.91 -4.09 -10.73
C1 22U F . 11.44 -3.86 -12.42
C16 22U F . 11.64 -2.35 -12.64
C17 22U F . 11.45 -1.74 -13.89
C21 22U F . 12.01 -1.55 -11.55
C18 22U F . 11.66 -0.36 -14.04
C20 22U F . 12.27 -0.18 -11.70
C19 22U F . 12.00 0.42 -12.94
N2 22U F . 8.03 -2.83 -12.34
C7 22U F . 7.02 -2.31 -11.44
C8 22U F . 6.20 -3.42 -10.82
O2 22U F . 5.82 -4.37 -11.49
C6 22U F . 6.16 -1.46 -12.40
C5 22U F . 7.15 -1.06 -13.52
C4 22U F . 7.93 -2.37 -13.74
N3 22U F . 5.92 -3.32 -9.50
C9 22U F . 5.02 -4.33 -8.90
C10 22U F . 5.78 -5.14 -7.83
C15 22U F . 6.05 -6.47 -8.07
C14 22U F . 6.76 -7.24 -7.15
C13 22U F . 7.15 -6.67 -5.93
C12 22U F . 6.88 -5.32 -5.67
C11 22U F . 6.19 -4.55 -6.61
CL1 22U F . 7.42 -4.63 -4.15
#